data_7BWH
#
_entry.id   7BWH
#
_cell.length_a   34.004
_cell.length_b   37.495
_cell.length_c   77.546
_cell.angle_alpha   90.000
_cell.angle_beta   90.000
_cell.angle_gamma   90.000
#
_symmetry.space_group_name_H-M   'P 2 21 21'
#
loop_
_entity.id
_entity.type
_entity.pdbx_description
1 polymer 'Cytochrome b5 heme-binding domain-containing protein'
2 non-polymer 'PROTOPORPHYRIN IX CONTAINING FE'
3 non-polymer 'CHLORIDE ION'
4 water water
#
_entity_poly.entity_id   1
_entity_poly.type   'polypeptide(L)'
_entity_poly.pdbx_seq_one_letter_code
;HHHHHHSSENLYFQSLRKDKAEEQTFSWSEISQHTSANSLWVVVRDKTSPGSPLRVYDVTNFQKTHPGGHLILLKYAGTE
CSRAFAAVGHSKYAIKRMSQYRIGIAEADNVE
;
_entity_poly.pdbx_strand_id   A
#
# COMPACT_ATOMS: atom_id res chain seq x y z
N GLU A 22 15.55 -2.58 -11.58
CA GLU A 22 15.68 -3.16 -10.22
C GLU A 22 14.47 -2.75 -9.38
N GLU A 23 14.73 -2.08 -8.25
CA GLU A 23 13.71 -1.81 -7.24
C GLU A 23 14.20 -0.68 -6.33
N GLN A 24 13.25 0.02 -5.69
CA GLN A 24 13.56 1.04 -4.70
C GLN A 24 13.10 0.54 -3.33
N THR A 25 13.99 0.59 -2.35
CA THR A 25 13.66 0.17 -0.99
C THR A 25 13.36 1.41 -0.15
N PHE A 26 12.33 1.29 0.70
CA PHE A 26 11.98 2.34 1.64
C PHE A 26 12.02 1.78 3.06
N SER A 27 12.51 2.61 3.97
N SER A 27 12.53 2.60 3.98
CA SER A 27 12.54 2.28 5.38
CA SER A 27 12.55 2.25 5.39
C SER A 27 11.16 2.57 5.99
C SER A 27 11.20 2.59 6.02
N TRP A 28 10.85 1.85 7.08
CA TRP A 28 9.64 2.14 7.82
C TRP A 28 9.66 3.53 8.44
N SER A 29 10.85 4.03 8.83
CA SER A 29 10.95 5.40 9.30
C SER A 29 10.38 6.38 8.27
N GLU A 30 10.65 6.14 6.98
CA GLU A 30 10.12 7.00 5.94
C GLU A 30 8.65 6.68 5.65
N ILE A 31 8.29 5.41 5.52
CA ILE A 31 6.92 5.03 5.17
C ILE A 31 5.92 5.59 6.19
N SER A 32 6.29 5.51 7.48
N SER A 32 6.30 5.53 7.48
CA SER A 32 5.38 5.82 8.58
CA SER A 32 5.41 5.87 8.58
C SER A 32 4.99 7.31 8.60
C SER A 32 5.04 7.36 8.59
N GLN A 33 5.71 8.15 7.86
N GLN A 33 5.73 8.17 7.77
N GLN A 33 5.98 8.31 7.58
CA GLN A 33 5.44 9.58 7.78
CA GLN A 33 5.48 9.60 7.75
CA GLN A 33 5.36 9.60 7.84
C GLN A 33 4.31 9.88 6.80
C GLN A 33 4.58 9.98 6.58
C GLN A 33 4.34 9.94 6.75
N HIS A 34 4.07 8.98 5.85
CA HIS A 34 3.17 9.23 4.74
C HIS A 34 1.72 8.92 5.13
N THR A 35 1.19 9.74 6.04
CA THR A 35 -0.04 9.45 6.75
C THR A 35 -1.15 10.44 6.42
N SER A 36 -0.88 11.42 5.55
CA SER A 36 -1.88 12.44 5.26
C SER A 36 -2.43 12.28 3.85
N ALA A 37 -3.59 12.89 3.60
CA ALA A 37 -4.23 12.83 2.29
C ALA A 37 -3.38 13.54 1.23
N ASN A 38 -2.37 14.30 1.68
CA ASN A 38 -1.49 15.03 0.77
C ASN A 38 -0.41 14.10 0.20
N SER A 39 -0.13 13.01 0.91
CA SER A 39 0.87 12.04 0.49
C SER A 39 0.64 10.75 1.28
N LEU A 40 -0.16 9.85 0.71
CA LEU A 40 -0.71 8.71 1.42
C LEU A 40 -0.09 7.44 0.88
N TRP A 41 0.73 6.75 1.69
CA TRP A 41 1.28 5.47 1.29
C TRP A 41 0.63 4.35 2.07
N VAL A 42 0.47 3.18 1.43
CA VAL A 42 0.05 1.97 2.12
C VAL A 42 0.96 0.84 1.68
N VAL A 43 1.08 -0.19 2.51
CA VAL A 43 1.95 -1.32 2.22
C VAL A 43 1.12 -2.60 2.22
N VAL A 44 1.28 -3.40 1.16
CA VAL A 44 0.59 -4.67 1.04
C VAL A 44 1.59 -5.73 0.65
N ARG A 45 1.67 -6.82 1.42
CA ARG A 45 2.56 -7.90 1.07
C ARG A 45 2.04 -8.60 -0.18
N ASP A 46 2.95 -8.84 -1.13
CA ASP A 46 2.60 -9.48 -2.39
C ASP A 46 3.08 -10.93 -2.36
N LYS A 47 2.18 -11.83 -1.95
CA LYS A 47 2.51 -13.24 -1.80
C LYS A 47 2.68 -13.92 -3.16
N THR A 48 2.31 -13.24 -4.25
CA THR A 48 2.39 -13.81 -5.59
C THR A 48 3.78 -13.64 -6.20
N SER A 49 4.60 -12.75 -5.62
CA SER A 49 5.93 -12.47 -6.12
C SER A 49 6.97 -13.24 -5.30
N PRO A 50 8.03 -13.78 -5.92
CA PRO A 50 9.13 -14.39 -5.17
C PRO A 50 9.65 -13.45 -4.09
N GLY A 51 9.77 -13.97 -2.87
CA GLY A 51 10.26 -13.22 -1.73
C GLY A 51 9.14 -12.56 -0.93
N SER A 52 7.91 -12.64 -1.43
CA SER A 52 6.75 -12.05 -0.79
C SER A 52 7.04 -10.62 -0.34
N PRO A 53 7.46 -9.71 -1.26
CA PRO A 53 7.87 -8.36 -0.87
C PRO A 53 6.71 -7.56 -0.28
N LEU A 54 7.04 -6.71 0.70
N LEU A 54 7.04 -6.69 0.68
CA LEU A 54 6.09 -5.72 1.18
CA LEU A 54 6.13 -5.68 1.19
C LEU A 54 6.10 -4.55 0.20
C LEU A 54 6.11 -4.53 0.19
N ARG A 55 5.12 -4.54 -0.72
CA ARG A 55 5.10 -3.50 -1.74
C ARG A 55 4.51 -2.21 -1.16
N VAL A 56 5.15 -1.10 -1.50
CA VAL A 56 4.75 0.22 -1.04
C VAL A 56 4.02 0.91 -2.18
N TYR A 57 2.81 1.41 -1.90
CA TYR A 57 1.96 2.06 -2.89
C TYR A 57 1.70 3.49 -2.47
N ASP A 58 1.93 4.43 -3.39
CA ASP A 58 1.52 5.82 -3.19
C ASP A 58 0.14 5.99 -3.80
N VAL A 59 -0.89 5.96 -2.95
CA VAL A 59 -2.27 5.98 -3.42
C VAL A 59 -2.88 7.38 -3.34
N THR A 60 -2.04 8.42 -3.24
CA THR A 60 -2.52 9.79 -3.15
C THR A 60 -3.55 10.10 -4.24
N ASN A 61 -3.27 9.71 -5.48
CA ASN A 61 -4.08 10.11 -6.61
C ASN A 61 -5.23 9.13 -6.84
N PHE A 62 -5.34 8.13 -5.97
CA PHE A 62 -6.36 7.08 -6.05
C PHE A 62 -7.47 7.34 -5.03
N GLN A 63 -7.24 8.28 -4.11
CA GLN A 63 -8.16 8.48 -2.99
C GLN A 63 -9.58 8.78 -3.49
N LYS A 64 -9.68 9.56 -4.57
CA LYS A 64 -10.98 10.06 -5.02
C LYS A 64 -11.77 8.98 -5.76
N THR A 65 -11.10 7.92 -6.24
CA THR A 65 -11.79 6.94 -7.06
C THR A 65 -11.84 5.54 -6.42
N HIS A 66 -11.09 5.33 -5.34
CA HIS A 66 -11.08 4.02 -4.69
C HIS A 66 -12.52 3.61 -4.36
N PRO A 67 -13.02 2.45 -4.85
CA PRO A 67 -14.40 2.04 -4.53
C PRO A 67 -14.68 1.88 -3.04
N GLY A 68 -13.64 1.54 -2.26
CA GLY A 68 -13.79 1.45 -0.82
C GLY A 68 -13.83 2.80 -0.13
N GLY A 69 -13.67 3.89 -0.90
CA GLY A 69 -13.70 5.24 -0.34
C GLY A 69 -12.31 5.72 0.08
N HIS A 70 -12.21 7.02 0.37
CA HIS A 70 -10.93 7.62 0.73
C HIS A 70 -10.60 7.44 2.21
N LEU A 71 -11.63 7.40 3.07
N LEU A 71 -11.63 7.37 3.06
CA LEU A 71 -11.43 7.34 4.51
CA LEU A 71 -11.48 7.34 4.51
C LEU A 71 -10.64 6.09 4.89
C LEU A 71 -10.76 6.07 4.97
N ILE A 72 -10.99 4.95 4.27
CA ILE A 72 -10.37 3.69 4.64
C ILE A 72 -8.89 3.68 4.24
N LEU A 73 -8.52 4.38 3.16
CA LEU A 73 -7.11 4.48 2.81
C LEU A 73 -6.35 5.28 3.87
N LEU A 74 -6.97 6.35 4.36
CA LEU A 74 -6.33 7.21 5.34
C LEU A 74 -6.09 6.44 6.65
N LYS A 75 -7.02 5.53 6.99
N LYS A 75 -6.99 5.51 6.98
CA LYS A 75 -6.94 4.75 8.21
CA LYS A 75 -6.93 4.76 8.24
C LYS A 75 -5.62 3.97 8.29
C LYS A 75 -5.67 3.89 8.31
N TYR A 76 -5.21 3.37 7.17
CA TYR A 76 -4.07 2.47 7.14
C TYR A 76 -2.82 3.17 6.61
N ALA A 77 -2.92 4.49 6.40
CA ALA A 77 -1.81 5.24 5.84
C ALA A 77 -0.57 5.08 6.70
N GLY A 78 0.56 4.82 6.04
CA GLY A 78 1.85 4.67 6.70
C GLY A 78 2.05 3.30 7.32
N THR A 79 1.14 2.36 7.05
CA THR A 79 1.22 1.04 7.66
C THR A 79 1.02 -0.07 6.63
N GLU A 80 1.34 -1.28 7.05
CA GLU A 80 0.94 -2.47 6.32
C GLU A 80 -0.54 -2.75 6.56
N CYS A 81 -1.27 -2.94 5.46
N CYS A 81 -1.30 -2.97 5.50
CA CYS A 81 -2.70 -3.22 5.49
CA CYS A 81 -2.70 -3.34 5.67
C CYS A 81 -3.04 -4.54 4.81
C CYS A 81 -3.03 -4.55 4.82
N SER A 82 -2.06 -5.44 4.67
CA SER A 82 -2.22 -6.71 3.97
C SER A 82 -3.43 -7.50 4.45
N ARG A 83 -3.60 -7.60 5.78
N ARG A 83 -3.59 -7.61 5.78
CA ARG A 83 -4.67 -8.42 6.33
CA ARG A 83 -4.66 -8.43 6.32
C ARG A 83 -6.02 -7.83 5.98
C ARG A 83 -6.03 -7.83 5.97
N ALA A 84 -6.18 -6.51 6.17
CA ALA A 84 -7.41 -5.83 5.83
C ALA A 84 -7.70 -5.92 4.33
N PHE A 85 -6.65 -5.77 3.50
CA PHE A 85 -6.78 -5.87 2.06
C PHE A 85 -7.34 -7.23 1.67
N ALA A 86 -6.77 -8.29 2.24
CA ALA A 86 -7.18 -9.66 1.93
C ALA A 86 -8.60 -9.91 2.43
N ALA A 87 -8.95 -9.34 3.59
CA ALA A 87 -10.25 -9.61 4.19
C ALA A 87 -11.38 -9.07 3.32
N VAL A 88 -11.10 -8.02 2.54
CA VAL A 88 -12.06 -7.43 1.60
C VAL A 88 -12.32 -8.37 0.43
N GLY A 89 -11.39 -9.30 0.16
CA GLY A 89 -11.48 -10.13 -1.03
C GLY A 89 -11.27 -9.30 -2.29
N HIS A 90 -10.29 -8.40 -2.26
CA HIS A 90 -10.01 -7.58 -3.44
C HIS A 90 -9.86 -8.46 -4.67
N SER A 91 -10.47 -8.00 -5.76
CA SER A 91 -10.60 -8.76 -6.98
C SER A 91 -9.30 -8.78 -7.79
N LYS A 92 -9.29 -9.61 -8.85
N LYS A 92 -9.29 -9.62 -8.84
CA LYS A 92 -8.18 -9.63 -9.78
CA LYS A 92 -8.19 -9.63 -9.79
C LYS A 92 -8.09 -8.29 -10.50
C LYS A 92 -8.08 -8.27 -10.46
N TYR A 93 -9.25 -7.67 -10.75
CA TYR A 93 -9.30 -6.34 -11.31
C TYR A 93 -8.61 -5.34 -10.38
N ALA A 94 -8.95 -5.38 -9.08
CA ALA A 94 -8.35 -4.47 -8.10
C ALA A 94 -6.83 -4.67 -8.07
N ILE A 95 -6.39 -5.93 -8.05
CA ILE A 95 -4.97 -6.21 -7.92
C ILE A 95 -4.23 -5.69 -9.15
N LYS A 96 -4.83 -5.87 -10.34
N LYS A 96 -4.85 -5.83 -10.34
CA LYS A 96 -4.24 -5.34 -11.57
CA LYS A 96 -4.29 -5.36 -11.59
C LYS A 96 -4.05 -3.83 -11.46
C LYS A 96 -4.14 -3.84 -11.57
N ARG A 97 -5.05 -3.15 -10.86
CA ARG A 97 -5.04 -1.70 -10.76
C ARG A 97 -3.98 -1.22 -9.76
N MET A 98 -3.46 -2.11 -8.91
CA MET A 98 -2.53 -1.70 -7.87
C MET A 98 -1.18 -1.31 -8.44
N SER A 99 -0.73 -1.99 -9.51
CA SER A 99 0.65 -1.88 -9.94
C SER A 99 1.00 -0.44 -10.30
N GLN A 100 0.04 0.31 -10.84
CA GLN A 100 0.32 1.67 -11.27
C GLN A 100 0.73 2.54 -10.08
N TYR A 101 0.39 2.14 -8.83
CA TYR A 101 0.70 2.95 -7.66
C TYR A 101 1.96 2.51 -6.94
N ARG A 102 2.63 1.44 -7.42
CA ARG A 102 3.82 0.97 -6.71
C ARG A 102 4.90 2.04 -6.78
N ILE A 103 5.56 2.26 -5.63
CA ILE A 103 6.75 3.11 -5.60
C ILE A 103 8.00 2.32 -5.20
N GLY A 104 7.83 1.16 -4.57
CA GLY A 104 8.99 0.40 -4.15
C GLY A 104 8.59 -0.71 -3.20
N ILE A 105 9.55 -1.16 -2.39
N ILE A 105 9.56 -1.21 -2.43
CA ILE A 105 9.34 -2.22 -1.43
CA ILE A 105 9.28 -2.22 -1.43
C ILE A 105 9.86 -1.76 -0.07
C ILE A 105 9.81 -1.73 -0.08
N ALA A 106 9.27 -2.28 1.00
CA ALA A 106 9.69 -1.94 2.35
C ALA A 106 10.89 -2.79 2.74
N GLU A 107 11.77 -2.21 3.56
CA GLU A 107 12.89 -2.95 4.14
C GLU A 107 12.35 -4.20 4.84
N ALA A 108 13.12 -5.28 4.80
CA ALA A 108 12.67 -6.59 5.26
C ALA A 108 12.56 -6.62 6.78
N ASP A 109 11.83 -7.62 7.29
CA ASP A 109 11.71 -7.86 8.72
C ASP A 109 12.95 -8.60 9.22
#